data_7BWY
#
_entry.id   7BWY
#
_cell.length_a   92.311
_cell.length_b   92.311
_cell.length_c   222.669
_cell.angle_alpha   90.000
_cell.angle_beta   90.000
_cell.angle_gamma   120.000
#
_symmetry.space_group_name_H-M   'P 32 2 1'
#
loop_
_entity.id
_entity.type
_entity.pdbx_description
1 polymer 'Ice-binding protein isoform1a'
2 non-polymer GLYCEROL
3 water water
#
_entity_poly.entity_id   1
_entity_poly.type   'polypeptide(L)'
_entity_poly.pdbx_seq_one_letter_code
;HHHHHHTGLDLGAASSFGALAPQGVANAGATVINGDMGTTGTSITGFPPGLITGQLHINDDTSTQAFADSRTAFVAGQAL
IATVDQAGTATLGGNTFVAGVYKYDSAVGLDGVLTLDGAGDASSVWVFQLATTLVTYASSSIILTNGAKANNVFWIVGYS
ATLGTYSHLEGNVIANALIAAQTGATINGALLAGSAVTLDSNTVTVQNSASKLVRSAKFFKV
;
_entity_poly.pdbx_strand_id   A,B,C
#
loop_
_chem_comp.id
_chem_comp.type
_chem_comp.name
_chem_comp.formula
GOL non-polymer GLYCEROL 'C3 H8 O3'
#
# COMPACT_ATOMS: atom_id res chain seq x y z
N THR A 7 8.81 25.20 2.02
CA THR A 7 9.86 24.14 2.11
C THR A 7 9.22 22.74 1.99
N GLY A 8 8.15 22.63 1.18
CA GLY A 8 7.74 21.37 0.55
C GLY A 8 8.68 20.85 -0.56
N LEU A 9 8.62 19.52 -0.83
CA LEU A 9 9.50 18.84 -1.77
C LEU A 9 8.80 18.65 -3.09
N ASP A 10 9.54 18.90 -4.18
CA ASP A 10 9.06 18.76 -5.55
C ASP A 10 9.27 17.30 -6.01
N LEU A 11 8.17 16.57 -6.34
CA LEU A 11 8.23 15.16 -6.73
C LEU A 11 8.34 15.04 -8.24
N GLY A 12 8.20 16.18 -8.94
CA GLY A 12 8.47 16.17 -10.38
C GLY A 12 7.59 15.15 -11.08
N ALA A 13 8.16 14.31 -11.94
CA ALA A 13 7.33 13.41 -12.73
C ALA A 13 6.74 12.34 -11.80
N ALA A 14 7.21 12.25 -10.55
CA ALA A 14 6.71 11.24 -9.62
C ALA A 14 5.36 11.67 -9.00
N SER A 15 4.96 12.92 -9.22
CA SER A 15 3.94 13.48 -8.33
C SER A 15 2.54 12.90 -8.65
N SER A 16 2.37 12.24 -9.80
CA SER A 16 1.12 11.63 -10.21
C SER A 16 1.04 10.13 -9.80
N PHE A 17 2.12 9.55 -9.25
CA PHE A 17 2.23 8.13 -8.96
C PHE A 17 1.78 7.79 -7.55
N GLY A 18 0.90 6.76 -7.45
CA GLY A 18 0.52 6.20 -6.16
C GLY A 18 1.58 5.22 -5.67
N ALA A 19 2.21 4.53 -6.64
CA ALA A 19 3.21 3.52 -6.31
C ALA A 19 4.27 3.50 -7.39
N LEU A 20 5.54 3.58 -6.94
CA LEU A 20 6.70 3.71 -7.81
C LEU A 20 7.87 3.05 -7.10
N ALA A 21 8.55 2.14 -7.81
CA ALA A 21 9.73 1.45 -7.26
C ALA A 21 10.65 0.90 -8.36
N PRO A 22 11.99 0.88 -8.17
CA PRO A 22 12.85 0.36 -9.22
C PRO A 22 12.75 -1.17 -9.34
N GLN A 23 12.54 -1.86 -8.23
CA GLN A 23 12.67 -3.31 -8.25
C GLN A 23 11.27 -3.92 -8.17
N GLY A 24 10.26 -3.17 -8.61
CA GLY A 24 8.96 -3.78 -8.85
C GLY A 24 7.89 -3.47 -7.79
N VAL A 25 6.66 -3.74 -8.21
CA VAL A 25 5.51 -3.64 -7.33
C VAL A 25 4.88 -5.03 -7.31
N ALA A 26 4.71 -5.58 -6.11
CA ALA A 26 3.94 -6.80 -5.89
C ALA A 26 2.66 -6.51 -5.11
N ASN A 27 1.53 -6.95 -5.69
CA ASN A 27 0.25 -6.74 -5.07
C ASN A 27 -0.51 -8.05 -4.86
N ALA A 28 -1.28 -8.13 -3.76
CA ALA A 28 -2.32 -9.14 -3.59
C ALA A 28 -3.64 -8.43 -3.29
N GLY A 29 -4.74 -9.07 -3.67
CA GLY A 29 -6.06 -8.61 -3.29
C GLY A 29 -6.49 -7.41 -4.12
N ALA A 30 -7.74 -6.97 -3.93
CA ALA A 30 -8.42 -6.01 -4.78
C ALA A 30 -7.93 -4.59 -4.43
N THR A 31 -6.61 -4.34 -4.51
CA THR A 31 -5.99 -3.04 -4.30
C THR A 31 -6.52 -2.03 -5.34
N VAL A 32 -6.66 -0.77 -4.92
CA VAL A 32 -7.06 0.26 -5.86
C VAL A 32 -6.04 1.39 -5.76
N ILE A 33 -5.38 1.71 -6.89
CA ILE A 33 -4.44 2.85 -6.92
C ILE A 33 -5.06 3.99 -7.72
N ASN A 34 -5.48 5.04 -7.00
CA ASN A 34 -6.03 6.26 -7.61
C ASN A 34 -4.87 7.19 -7.98
N GLY A 35 -4.26 6.86 -9.12
CA GLY A 35 -2.98 7.43 -9.51
C GLY A 35 -2.28 6.55 -10.54
N ASP A 36 -1.04 6.93 -10.88
CA ASP A 36 -0.21 6.18 -11.79
C ASP A 36 0.59 5.18 -10.97
N MET A 37 1.14 4.18 -11.66
CA MET A 37 1.99 3.21 -10.98
C MET A 37 3.11 2.86 -11.94
N GLY A 38 4.34 2.74 -11.42
CA GLY A 38 5.33 2.24 -12.34
C GLY A 38 6.54 1.64 -11.66
N THR A 39 7.45 1.11 -12.49
CA THR A 39 8.71 0.53 -12.06
C THR A 39 9.72 0.71 -13.19
N THR A 40 10.98 0.97 -12.82
CA THR A 40 12.01 1.08 -13.85
C THR A 40 12.50 -0.31 -14.20
N GLY A 41 12.19 -1.32 -13.37
CA GLY A 41 12.39 -2.73 -13.68
C GLY A 41 11.32 -3.24 -14.64
N THR A 42 11.09 -4.57 -14.67
CA THR A 42 10.00 -5.02 -15.52
C THR A 42 8.94 -5.82 -14.78
N SER A 43 8.94 -5.89 -13.45
CA SER A 43 7.86 -6.70 -12.92
C SER A 43 6.88 -5.89 -12.08
N ILE A 44 5.61 -5.99 -12.51
CA ILE A 44 4.45 -5.69 -11.70
C ILE A 44 3.64 -6.96 -11.54
N THR A 45 3.27 -7.35 -10.33
CA THR A 45 2.45 -8.54 -10.17
C THR A 45 1.17 -8.22 -9.39
N GLY A 46 0.05 -8.87 -9.78
CA GLY A 46 -1.13 -8.85 -8.94
C GLY A 46 -2.11 -7.76 -9.42
N PHE A 47 -1.99 -7.29 -10.67
CA PHE A 47 -3.00 -6.44 -11.28
C PHE A 47 -3.49 -7.07 -12.56
N PRO A 48 -4.68 -7.73 -12.66
CA PRO A 48 -5.61 -7.88 -11.53
C PRO A 48 -5.08 -8.91 -10.51
N PRO A 49 -5.66 -9.08 -9.30
CA PRO A 49 -6.90 -8.39 -8.88
C PRO A 49 -6.78 -6.89 -8.50
N GLY A 50 -5.55 -6.36 -8.31
CA GLY A 50 -5.33 -4.94 -8.10
C GLY A 50 -5.79 -4.14 -9.33
N LEU A 51 -6.05 -2.84 -9.18
CA LEU A 51 -6.45 -2.01 -10.33
C LEU A 51 -5.84 -0.63 -10.13
N ILE A 52 -5.47 0.07 -11.22
CA ILE A 52 -5.05 1.46 -11.09
C ILE A 52 -5.95 2.35 -11.93
N THR A 53 -6.13 3.59 -11.51
CA THR A 53 -6.97 4.49 -12.29
C THR A 53 -6.12 5.22 -13.32
N GLY A 54 -4.84 5.45 -13.07
CA GLY A 54 -4.03 6.29 -13.95
C GLY A 54 -3.23 5.50 -14.99
N GLN A 55 -2.01 5.93 -15.33
CA GLN A 55 -1.19 5.22 -16.32
C GLN A 55 -0.21 4.28 -15.61
N LEU A 56 0.01 3.13 -16.26
CA LEU A 56 1.04 2.15 -15.93
C LEU A 56 2.33 2.50 -16.68
N HIS A 57 3.48 2.62 -16.00
CA HIS A 57 4.70 2.94 -16.71
C HIS A 57 5.77 1.94 -16.30
N ILE A 58 5.95 0.92 -17.13
CA ILE A 58 6.90 -0.13 -16.84
C ILE A 58 8.11 0.07 -17.73
N ASN A 59 9.23 0.43 -17.08
CA ASN A 59 10.49 0.45 -17.78
C ASN A 59 10.41 1.30 -19.04
N ASP A 60 10.12 2.59 -18.93
CA ASP A 60 10.00 3.48 -20.07
C ASP A 60 10.54 4.83 -19.65
N ASP A 61 10.27 5.88 -20.43
CA ASP A 61 10.94 7.12 -20.06
C ASP A 61 10.28 7.75 -18.86
N THR A 62 8.95 7.62 -18.75
CA THR A 62 8.26 8.24 -17.62
C THR A 62 8.75 7.61 -16.30
N SER A 63 8.81 6.28 -16.29
CA SER A 63 9.32 5.52 -15.15
C SER A 63 10.70 6.02 -14.75
N THR A 64 11.58 6.19 -15.74
CA THR A 64 12.96 6.59 -15.43
C THR A 64 12.98 7.98 -14.80
N GLN A 65 12.26 8.89 -15.44
CA GLN A 65 12.23 10.27 -14.96
C GLN A 65 11.54 10.36 -13.57
N ALA A 66 10.39 9.69 -13.41
CA ALA A 66 9.68 9.69 -12.12
C ALA A 66 10.54 9.10 -11.01
N PHE A 67 11.23 7.97 -11.33
CA PHE A 67 12.13 7.44 -10.32
C PHE A 67 13.19 8.46 -9.92
N ALA A 68 13.79 9.15 -10.90
CA ALA A 68 14.86 10.08 -10.58
C ALA A 68 14.35 11.25 -9.76
N ASP A 69 13.17 11.75 -10.14
CA ASP A 69 12.63 12.84 -9.31
C ASP A 69 12.34 12.38 -7.89
N SER A 70 11.89 11.11 -7.77
CA SER A 70 11.60 10.57 -6.43
C SER A 70 12.87 10.55 -5.59
N ARG A 71 14.01 10.17 -6.20
CA ARG A 71 15.29 10.15 -5.45
C ARG A 71 15.78 11.57 -5.11
N THR A 72 15.50 12.50 -6.01
CA THR A 72 15.86 13.90 -5.83
C THR A 72 15.13 14.43 -4.61
N ALA A 73 13.80 14.18 -4.63
CA ALA A 73 12.96 14.61 -3.53
C ALA A 73 13.46 13.99 -2.21
N PHE A 74 13.85 12.70 -2.29
CA PHE A 74 14.39 12.00 -1.12
C PHE A 74 15.65 12.69 -0.58
N VAL A 75 16.58 13.01 -1.50
CA VAL A 75 17.82 13.71 -1.14
C VAL A 75 17.48 15.02 -0.45
N ALA A 76 16.55 15.77 -1.06
CA ALA A 76 16.14 17.05 -0.44
C ALA A 76 15.52 16.81 0.91
N GLY A 77 14.62 15.79 0.99
CA GLY A 77 14.01 15.61 2.29
C GLY A 77 15.05 15.35 3.38
N GLN A 78 16.13 14.65 3.03
CA GLN A 78 17.11 14.37 4.09
C GLN A 78 18.02 15.56 4.33
N ALA A 79 18.21 16.44 3.33
CA ALA A 79 19.15 17.55 3.47
C ALA A 79 18.57 18.70 4.29
N LEU A 80 17.24 18.77 4.47
CA LEU A 80 16.67 19.88 5.23
C LEU A 80 17.22 19.91 6.64
N ILE A 81 17.37 21.10 7.20
CA ILE A 81 17.77 21.16 8.59
C ILE A 81 16.50 21.02 9.44
N ALA A 82 16.57 20.22 10.49
CA ALA A 82 15.39 19.90 11.28
C ALA A 82 14.98 21.13 12.06
N THR A 83 13.68 21.39 12.23
CA THR A 83 13.26 22.41 13.16
C THR A 83 12.87 21.81 14.49
N VAL A 84 12.63 20.48 14.56
CA VAL A 84 12.40 19.81 15.84
C VAL A 84 13.26 18.56 15.88
N ASP A 85 14.02 18.43 16.96
CA ASP A 85 14.89 17.29 17.05
C ASP A 85 14.30 16.31 18.05
N GLN A 86 13.80 15.16 17.56
CA GLN A 86 13.10 14.20 18.41
C GLN A 86 14.08 13.16 18.90
N ALA A 87 15.38 13.24 18.50
CA ALA A 87 16.40 12.35 19.02
C ALA A 87 15.95 10.87 18.96
N GLY A 88 16.07 10.13 20.08
CA GLY A 88 15.69 8.71 20.09
C GLY A 88 14.19 8.45 20.30
N THR A 89 13.29 9.43 20.22
CA THR A 89 11.88 9.12 20.47
C THR A 89 11.41 8.00 19.55
N ALA A 90 10.68 7.02 20.11
CA ALA A 90 10.30 5.83 19.35
C ALA A 90 8.84 5.83 18.95
N THR A 91 8.04 6.82 19.40
CA THR A 91 6.59 6.73 19.17
C THR A 91 6.05 8.00 18.49
N LEU A 92 5.16 7.82 17.53
CA LEU A 92 4.48 8.96 16.92
C LEU A 92 3.06 9.13 17.46
N GLY A 93 2.46 8.04 17.96
CA GLY A 93 1.02 8.06 18.20
C GLY A 93 0.69 8.89 19.43
N GLY A 94 -0.50 9.50 19.47
CA GLY A 94 -0.79 10.26 20.67
C GLY A 94 -0.18 11.66 20.65
N ASN A 95 0.12 12.22 19.47
CA ASN A 95 0.75 13.52 19.38
C ASN A 95 -0.05 14.36 18.39
N THR A 96 0.02 15.70 18.62
CA THR A 96 -0.41 16.67 17.61
C THR A 96 0.79 17.52 17.20
N PHE A 97 1.09 17.60 15.91
CA PHE A 97 2.32 18.28 15.50
C PHE A 97 1.92 19.39 14.54
N VAL A 98 2.34 20.65 14.78
CA VAL A 98 2.27 21.68 13.74
C VAL A 98 3.42 21.49 12.75
N ALA A 99 3.39 22.26 11.64
CA ALA A 99 4.35 22.33 10.54
C ALA A 99 5.78 22.24 11.02
N GLY A 100 6.63 21.52 10.29
CA GLY A 100 7.94 21.36 10.86
C GLY A 100 8.78 20.33 10.13
N VAL A 101 10.10 20.34 10.41
CA VAL A 101 10.99 19.28 9.95
C VAL A 101 11.42 18.55 11.21
N TYR A 102 10.88 17.33 11.33
CA TYR A 102 11.05 16.57 12.56
C TYR A 102 12.02 15.45 12.25
N LYS A 103 13.01 15.33 13.12
CA LYS A 103 14.18 14.51 12.92
C LYS A 103 14.12 13.41 13.97
N TYR A 104 14.11 12.15 13.53
CA TYR A 104 14.18 11.05 14.51
C TYR A 104 15.37 10.19 14.16
N ASP A 105 16.17 9.82 15.16
CA ASP A 105 17.44 9.13 14.99
C ASP A 105 17.28 7.61 14.84
N SER A 106 16.16 7.00 15.25
CA SER A 106 16.05 5.55 15.05
C SER A 106 14.60 5.15 14.86
N ALA A 107 14.34 3.85 15.08
CA ALA A 107 13.13 3.23 14.60
C ALA A 107 11.93 3.97 15.21
N VAL A 108 10.89 4.28 14.42
CA VAL A 108 9.73 4.88 15.05
C VAL A 108 8.52 4.00 14.75
N GLY A 109 7.56 4.06 15.66
CA GLY A 109 6.31 3.42 15.35
C GLY A 109 5.13 4.36 15.60
N LEU A 110 4.03 4.09 14.91
CA LEU A 110 2.79 4.83 15.06
C LEU A 110 1.71 3.86 15.51
N ASP A 111 1.38 3.95 16.80
CA ASP A 111 0.25 3.22 17.35
C ASP A 111 -0.78 4.22 17.86
N GLY A 112 -2.03 4.09 17.44
CA GLY A 112 -3.02 5.09 17.82
C GLY A 112 -3.14 6.12 16.71
N VAL A 113 -3.18 7.40 17.10
CA VAL A 113 -3.55 8.49 16.19
C VAL A 113 -2.49 9.57 16.28
N LEU A 114 -1.96 9.95 15.12
CA LEU A 114 -1.06 11.11 15.05
C LEU A 114 -1.88 12.19 14.37
N THR A 115 -1.96 13.39 15.00
CA THR A 115 -2.70 14.48 14.37
C THR A 115 -1.74 15.50 13.74
N LEU A 116 -2.05 15.94 12.52
CA LEU A 116 -1.20 16.99 11.97
C LEU A 116 -2.01 18.30 11.95
N ASP A 117 -1.54 19.29 12.70
CA ASP A 117 -2.32 20.51 12.90
C ASP A 117 -1.85 21.64 11.98
N GLY A 118 -2.66 21.96 10.95
CA GLY A 118 -2.28 23.01 10.02
C GLY A 118 -2.21 24.43 10.64
N ALA A 119 -2.57 24.57 11.92
CA ALA A 119 -2.75 25.82 12.68
C ALA A 119 -3.37 26.94 11.86
N GLY A 120 -4.33 26.62 11.01
CA GLY A 120 -5.01 27.70 10.35
C GLY A 120 -4.38 27.96 9.00
N ASP A 121 -3.16 27.46 8.82
CA ASP A 121 -2.46 27.74 7.57
C ASP A 121 -2.30 26.48 6.71
N ALA A 122 -2.89 26.47 5.50
CA ALA A 122 -2.98 25.37 4.53
C ALA A 122 -1.63 25.16 3.86
N SER A 123 -0.72 26.09 4.11
CA SER A 123 0.52 25.88 3.38
C SER A 123 1.52 25.22 4.35
N SER A 124 1.06 24.87 5.57
CA SER A 124 1.79 24.04 6.51
C SER A 124 2.44 22.83 5.81
N VAL A 125 3.69 22.57 6.22
CA VAL A 125 4.50 21.53 5.61
C VAL A 125 5.08 20.66 6.72
N TRP A 126 5.00 19.34 6.53
CA TRP A 126 5.64 18.43 7.47
C TRP A 126 6.68 17.61 6.72
N VAL A 127 7.89 17.56 7.31
CA VAL A 127 8.89 16.65 6.78
C VAL A 127 9.38 15.85 7.95
N PHE A 128 9.11 14.54 7.87
CA PHE A 128 9.48 13.59 8.93
C PHE A 128 10.74 12.88 8.47
N GLN A 129 11.85 13.20 9.13
CA GLN A 129 13.12 12.62 8.73
C GLN A 129 13.32 11.46 9.68
N LEU A 130 13.01 10.26 9.16
CA LEU A 130 13.06 9.05 9.97
C LEU A 130 14.33 8.32 9.56
N ALA A 131 15.35 8.41 10.42
CA ALA A 131 16.69 7.95 10.01
C ALA A 131 16.65 6.46 9.62
N THR A 132 15.76 5.65 10.22
CA THR A 132 15.81 4.22 9.92
C THR A 132 14.45 3.74 9.46
N THR A 133 13.73 2.98 10.32
CA THR A 133 12.49 2.35 9.85
C THR A 133 11.29 3.18 10.29
N LEU A 134 10.18 3.05 9.56
CA LEU A 134 8.87 3.43 10.08
C LEU A 134 7.97 2.20 10.11
N VAL A 135 7.32 1.99 11.27
CA VAL A 135 6.29 0.96 11.36
C VAL A 135 4.96 1.59 11.80
N THR A 136 3.89 1.40 11.04
CA THR A 136 2.63 1.76 11.72
C THR A 136 1.85 0.53 12.15
N TYR A 137 1.08 0.65 13.24
CA TYR A 137 0.36 -0.47 13.83
C TYR A 137 -1.04 -0.66 13.25
N ALA A 138 -1.65 -1.82 13.53
CA ALA A 138 -2.96 -2.15 12.97
C ALA A 138 -3.95 -1.06 13.34
N SER A 139 -4.78 -0.69 12.38
CA SER A 139 -5.78 0.35 12.57
C SER A 139 -5.22 1.64 13.19
N SER A 140 -3.90 1.92 13.08
CA SER A 140 -3.36 3.21 13.49
C SER A 140 -3.81 4.28 12.46
N SER A 141 -3.77 5.56 12.82
CA SER A 141 -4.24 6.52 11.82
C SER A 141 -3.51 7.84 11.95
N ILE A 142 -3.39 8.54 10.82
CA ILE A 142 -2.95 9.93 10.83
C ILE A 142 -4.14 10.81 10.45
N ILE A 143 -4.39 11.84 11.27
CA ILE A 143 -5.52 12.77 11.11
C ILE A 143 -5.00 14.17 10.75
N LEU A 144 -5.67 14.87 9.80
CA LEU A 144 -5.36 16.25 9.37
C LEU A 144 -6.33 17.23 10.03
N THR A 145 -5.85 18.34 10.56
CA THR A 145 -6.78 19.30 11.12
C THR A 145 -6.36 20.74 10.75
N ASN A 146 -7.32 21.68 10.78
CA ASN A 146 -7.09 23.11 10.71
C ASN A 146 -6.24 23.43 9.49
N GLY A 147 -6.67 22.99 8.30
CA GLY A 147 -5.96 23.31 7.07
C GLY A 147 -4.85 22.37 6.59
N ALA A 148 -4.34 21.45 7.45
CA ALA A 148 -3.28 20.49 7.09
C ALA A 148 -3.70 19.77 5.82
N LYS A 149 -2.84 19.72 4.80
CA LYS A 149 -3.08 18.99 3.56
C LYS A 149 -2.10 17.83 3.43
N ALA A 150 -2.62 16.67 2.97
CA ALA A 150 -1.82 15.44 2.87
C ALA A 150 -0.61 15.64 1.94
N ASN A 151 -0.82 16.38 0.86
CA ASN A 151 0.23 16.48 -0.12
C ASN A 151 1.39 17.36 0.33
N ASN A 152 1.29 17.94 1.55
CA ASN A 152 2.32 18.78 2.16
C ASN A 152 2.95 18.01 3.32
N VAL A 153 2.68 16.70 3.36
CA VAL A 153 3.25 15.80 4.37
C VAL A 153 4.24 14.86 3.69
N PHE A 154 5.46 14.76 4.24
CA PHE A 154 6.52 13.97 3.64
C PHE A 154 7.11 13.04 4.68
N TRP A 155 7.12 11.75 4.34
CA TRP A 155 7.69 10.75 5.24
C TRP A 155 8.98 10.34 4.57
N ILE A 156 10.11 10.76 5.15
CA ILE A 156 11.39 10.52 4.51
C ILE A 156 12.01 9.37 5.28
N VAL A 157 11.96 8.19 4.68
CA VAL A 157 12.26 7.01 5.51
C VAL A 157 13.66 6.48 5.15
N GLY A 158 14.58 6.54 6.11
CA GLY A 158 15.96 6.21 5.84
C GLY A 158 16.16 4.74 5.43
N TYR A 159 15.37 3.79 5.94
CA TYR A 159 15.45 2.39 5.53
C TYR A 159 14.17 2.01 4.78
N SER A 160 13.21 1.38 5.50
CA SER A 160 11.98 0.94 4.84
C SER A 160 10.79 1.26 5.74
N ALA A 161 9.61 1.43 5.15
CA ALA A 161 8.39 1.64 5.91
C ALA A 161 7.50 0.39 5.83
N THR A 162 6.82 0.09 6.94
CA THR A 162 5.77 -0.93 6.89
C THR A 162 4.50 -0.30 7.45
N LEU A 163 3.42 -0.41 6.67
CA LEU A 163 2.13 0.13 7.12
C LEU A 163 1.24 -1.02 7.59
N GLY A 164 0.79 -0.93 8.86
CA GLY A 164 0.02 -1.97 9.56
C GLY A 164 -1.32 -2.29 8.93
N THR A 165 -1.87 -3.48 9.26
CA THR A 165 -3.13 -3.90 8.65
C THR A 165 -4.22 -2.88 9.01
N TYR A 166 -5.01 -2.46 8.00
CA TYR A 166 -6.13 -1.54 8.21
C TYR A 166 -5.66 -0.19 8.76
N SER A 167 -4.32 0.07 8.78
CA SER A 167 -3.82 1.40 9.12
C SER A 167 -4.26 2.45 8.08
N HIS A 168 -4.16 3.72 8.45
CA HIS A 168 -4.46 4.78 7.51
C HIS A 168 -3.35 5.82 7.62
N LEU A 169 -2.80 6.19 6.46
CA LEU A 169 -1.70 7.12 6.45
C LEU A 169 -2.07 8.27 5.51
N GLU A 170 -1.73 9.49 5.95
CA GLU A 170 -1.76 10.66 5.09
C GLU A 170 -0.32 11.10 4.79
N GLY A 171 -0.02 11.37 3.51
CA GLY A 171 1.29 11.91 3.19
C GLY A 171 2.03 11.13 2.10
N ASN A 172 3.15 11.73 1.67
CA ASN A 172 4.00 11.16 0.66
C ASN A 172 5.09 10.36 1.36
N VAL A 173 5.13 9.07 1.07
CA VAL A 173 6.11 8.18 1.71
C VAL A 173 7.26 7.99 0.72
N ILE A 174 8.45 8.48 1.08
CA ILE A 174 9.60 8.34 0.19
C ILE A 174 10.63 7.55 0.96
N ALA A 175 10.77 6.28 0.59
CA ALA A 175 11.61 5.41 1.40
C ALA A 175 12.86 5.14 0.59
N ASN A 176 13.97 5.09 1.33
CA ASN A 176 15.25 4.69 0.76
C ASN A 176 15.15 3.26 0.16
N ALA A 177 14.42 2.35 0.83
CA ALA A 177 14.34 0.97 0.36
C ALA A 177 12.88 0.57 0.23
N LEU A 178 12.40 -0.35 1.09
CA LEU A 178 11.13 -1.02 0.80
C LEU A 178 9.97 -0.20 1.39
N ILE A 179 8.80 -0.28 0.74
CA ILE A 179 7.58 0.11 1.42
C ILE A 179 6.64 -1.07 1.33
N ALA A 180 6.28 -1.61 2.50
CA ALA A 180 5.31 -2.70 2.50
C ALA A 180 4.00 -2.28 3.15
N ALA A 181 2.92 -2.34 2.36
CA ALA A 181 1.64 -1.97 2.94
C ALA A 181 0.94 -3.28 3.31
N GLN A 182 0.71 -3.52 4.60
CA GLN A 182 -0.04 -4.74 4.96
C GLN A 182 -1.54 -4.65 4.65
N THR A 183 -2.23 -5.77 4.87
CA THR A 183 -3.59 -5.96 4.38
C THR A 183 -4.46 -4.79 4.82
N GLY A 184 -5.17 -4.22 3.85
CA GLY A 184 -6.21 -3.25 4.17
C GLY A 184 -5.65 -1.86 4.56
N ALA A 185 -4.33 -1.65 4.58
CA ALA A 185 -3.83 -0.30 4.88
C ALA A 185 -4.30 0.66 3.78
N THR A 186 -4.64 1.90 4.14
CA THR A 186 -5.07 2.92 3.18
C THR A 186 -4.17 4.16 3.27
N ILE A 187 -3.91 4.78 2.11
CA ILE A 187 -3.00 5.93 2.06
C ILE A 187 -3.67 7.04 1.21
N ASN A 188 -3.78 8.24 1.81
CA ASN A 188 -3.99 9.50 1.06
C ASN A 188 -2.62 10.14 0.81
N GLY A 189 -2.02 9.85 -0.35
CA GLY A 189 -0.59 10.13 -0.50
C GLY A 189 0.00 9.25 -1.58
N ALA A 190 1.24 8.78 -1.38
CA ALA A 190 1.92 8.09 -2.47
C ALA A 190 2.93 7.16 -1.83
N LEU A 191 3.31 6.08 -2.53
CA LEU A 191 4.36 5.23 -1.97
C LEU A 191 5.52 5.21 -2.97
N LEU A 192 6.63 5.91 -2.62
CA LEU A 192 7.75 6.09 -3.56
C LEU A 192 8.95 5.37 -2.98
N ALA A 193 9.19 4.14 -3.47
CA ALA A 193 10.15 3.29 -2.77
C ALA A 193 11.46 3.33 -3.52
N GLY A 194 12.56 3.06 -2.80
CA GLY A 194 13.86 2.90 -3.45
C GLY A 194 14.15 1.44 -3.81
N SER A 195 13.42 0.46 -3.27
CA SER A 195 13.59 -0.93 -3.74
C SER A 195 12.27 -1.43 -4.30
N ALA A 196 11.39 -1.95 -3.43
CA ALA A 196 10.13 -2.46 -3.96
C ALA A 196 8.98 -1.83 -3.15
N VAL A 197 7.78 -1.82 -3.74
CA VAL A 197 6.54 -1.64 -3.03
C VAL A 197 5.79 -2.96 -3.03
N THR A 198 5.34 -3.38 -1.82
CA THR A 198 4.42 -4.52 -1.77
C THR A 198 3.12 -4.12 -1.10
N LEU A 199 2.04 -4.69 -1.62
CA LEU A 199 0.71 -4.22 -1.33
C LEU A 199 -0.17 -5.42 -1.03
N ASP A 200 -1.15 -5.24 -0.17
CA ASP A 200 -2.20 -6.21 0.02
C ASP A 200 -3.51 -5.48 0.32
N SER A 201 -4.43 -5.52 -0.63
CA SER A 201 -5.79 -4.96 -0.53
C SER A 201 -5.74 -3.54 -0.01
N ASN A 202 -4.87 -2.73 -0.65
CA ASN A 202 -4.72 -1.37 -0.18
C ASN A 202 -5.53 -0.43 -1.07
N THR A 203 -5.69 0.80 -0.57
CA THR A 203 -6.20 1.89 -1.38
C THR A 203 -5.20 3.02 -1.24
N VAL A 204 -4.62 3.45 -2.37
CA VAL A 204 -3.67 4.56 -2.30
C VAL A 204 -4.23 5.67 -3.17
N THR A 205 -4.39 6.87 -2.62
CA THR A 205 -5.07 7.90 -3.41
C THR A 205 -4.17 9.13 -3.49
N VAL A 206 -3.63 9.41 -4.67
CA VAL A 206 -2.63 10.48 -4.78
C VAL A 206 -3.34 11.79 -4.50
N GLN A 207 -2.75 12.66 -3.66
CA GLN A 207 -3.40 13.94 -3.35
C GLN A 207 -2.74 15.11 -4.12
N ASN A 208 -3.46 16.20 -4.49
CA ASN A 208 -2.81 17.43 -5.03
C ASN A 208 -2.86 18.62 -4.07
N SER A 209 -2.32 19.78 -4.51
CA SER A 209 -2.32 21.00 -3.70
C SER A 209 -3.07 22.12 -4.42
N THR B 7 30.79 -16.23 -10.80
CA THR B 7 30.59 -15.72 -12.26
C THR B 7 29.14 -15.83 -12.76
N GLY B 8 28.32 -16.36 -11.89
CA GLY B 8 27.11 -16.99 -12.34
C GLY B 8 27.36 -18.48 -12.09
N LEU B 9 26.50 -19.08 -11.28
CA LEU B 9 26.31 -20.52 -11.24
C LEU B 9 25.16 -20.82 -12.20
N ASP B 10 25.36 -21.81 -13.09
CA ASP B 10 24.33 -22.30 -13.98
C ASP B 10 23.31 -23.06 -13.12
N LEU B 11 22.01 -22.73 -13.23
CA LEU B 11 21.00 -23.42 -12.43
C LEU B 11 20.38 -24.56 -13.25
N GLY B 12 20.79 -24.70 -14.51
CA GLY B 12 20.30 -25.71 -15.41
C GLY B 12 18.78 -25.67 -15.42
N ALA B 13 18.16 -26.84 -15.22
CA ALA B 13 16.70 -27.00 -15.34
C ALA B 13 15.97 -26.33 -14.17
N ALA B 14 16.67 -26.01 -13.06
CA ALA B 14 16.13 -25.30 -11.89
C ALA B 14 15.88 -23.82 -12.21
N SER B 15 16.33 -23.36 -13.37
CA SER B 15 16.47 -21.92 -13.54
C SER B 15 15.11 -21.25 -13.73
N SER B 16 14.07 -22.03 -14.06
CA SER B 16 12.73 -21.49 -14.21
C SER B 16 11.85 -21.63 -12.95
N PHE B 17 12.36 -22.20 -11.85
CA PHE B 17 11.54 -22.56 -10.68
C PHE B 17 11.59 -21.39 -9.70
N GLY B 18 10.41 -20.98 -9.21
CA GLY B 18 10.37 -20.08 -8.06
C GLY B 18 10.51 -20.80 -6.72
N ALA B 19 10.02 -22.05 -6.68
CA ALA B 19 10.09 -22.85 -5.46
C ALA B 19 10.32 -24.30 -5.85
N LEU B 20 11.27 -24.93 -5.19
CA LEU B 20 11.69 -26.27 -5.59
C LEU B 20 12.25 -26.91 -4.33
N ALA B 21 11.76 -28.12 -3.99
CA ALA B 21 12.28 -28.82 -2.82
C ALA B 21 11.98 -30.30 -2.95
N PRO B 22 12.83 -31.18 -2.41
CA PRO B 22 12.61 -32.62 -2.59
C PRO B 22 11.39 -33.11 -1.79
N GLN B 23 11.20 -32.64 -0.55
CA GLN B 23 10.13 -33.20 0.27
C GLN B 23 8.79 -32.55 -0.03
N GLY B 24 8.80 -31.24 -0.29
CA GLY B 24 7.52 -30.63 -0.62
C GLY B 24 7.58 -29.11 -0.49
N VAL B 25 6.45 -28.48 -0.86
CA VAL B 25 6.25 -27.05 -0.68
C VAL B 25 4.93 -26.91 0.06
N ALA B 26 4.94 -26.14 1.16
CA ALA B 26 3.70 -25.95 1.91
C ALA B 26 3.34 -24.46 1.91
N ASN B 27 2.13 -24.11 1.57
CA ASN B 27 1.88 -22.68 1.50
C ASN B 27 0.65 -22.35 2.35
N ALA B 28 0.59 -21.13 2.88
CA ALA B 28 -0.64 -20.59 3.46
C ALA B 28 -0.85 -19.23 2.79
N GLY B 29 -2.10 -18.87 2.53
CA GLY B 29 -2.43 -17.53 2.07
C GLY B 29 -2.32 -17.33 0.55
N ALA B 30 -2.59 -16.10 0.07
CA ALA B 30 -2.68 -15.82 -1.36
C ALA B 30 -1.29 -15.56 -1.97
N THR B 31 -0.46 -16.61 -2.00
CA THR B 31 0.88 -16.55 -2.54
C THR B 31 0.83 -16.61 -4.07
N VAL B 32 1.80 -15.96 -4.72
CA VAL B 32 2.01 -16.16 -6.15
C VAL B 32 3.47 -16.46 -6.42
N ILE B 33 3.73 -17.62 -7.09
CA ILE B 33 5.03 -17.88 -7.68
C ILE B 33 4.95 -17.47 -9.16
N ASN B 34 5.70 -16.46 -9.61
CA ASN B 34 5.83 -16.13 -11.03
C ASN B 34 7.00 -16.94 -11.52
N GLY B 35 6.71 -18.18 -11.89
CA GLY B 35 7.74 -19.16 -12.16
C GLY B 35 7.15 -20.55 -12.03
N ASP B 36 7.99 -21.57 -12.13
CA ASP B 36 7.54 -22.93 -12.06
C ASP B 36 7.61 -23.34 -10.59
N MET B 37 6.96 -24.43 -10.22
CA MET B 37 7.12 -24.94 -8.88
C MET B 37 7.22 -26.44 -8.97
N GLY B 38 8.00 -27.00 -8.06
CA GLY B 38 8.21 -28.41 -8.20
C GLY B 38 8.67 -29.07 -6.92
N THR B 39 8.36 -30.37 -6.84
CA THR B 39 9.00 -31.20 -5.84
C THR B 39 9.26 -32.57 -6.47
N THR B 40 10.28 -33.26 -5.97
CA THR B 40 10.51 -34.62 -6.41
C THR B 40 9.71 -35.58 -5.52
N GLY B 41 9.24 -35.14 -4.35
CA GLY B 41 8.28 -35.91 -3.56
C GLY B 41 6.86 -35.65 -4.05
N THR B 42 5.87 -35.67 -3.12
CA THR B 42 4.50 -35.45 -3.59
C THR B 42 3.71 -34.48 -2.71
N SER B 43 4.33 -33.80 -1.74
CA SER B 43 3.52 -32.96 -0.86
C SER B 43 3.59 -31.51 -1.30
N ILE B 44 2.65 -31.05 -2.14
CA ILE B 44 2.45 -29.63 -2.44
C ILE B 44 1.15 -29.22 -1.73
N THR B 45 1.14 -28.34 -0.74
CA THR B 45 -0.14 -28.00 -0.14
C THR B 45 -0.33 -26.48 -0.16
N GLY B 46 -1.58 -26.04 -0.22
CA GLY B 46 -1.88 -24.63 -0.02
C GLY B 46 -2.07 -23.93 -1.36
N PHE B 47 -2.18 -24.72 -2.44
CA PHE B 47 -2.42 -24.20 -3.79
C PHE B 47 -3.67 -24.85 -4.34
N PRO B 48 -4.87 -24.22 -4.29
CA PRO B 48 -5.10 -22.88 -3.71
C PRO B 48 -5.06 -22.84 -2.18
N PRO B 49 -5.03 -21.67 -1.48
CA PRO B 49 -5.18 -20.35 -2.10
C PRO B 49 -3.92 -19.86 -2.82
N GLY B 50 -2.75 -20.50 -2.66
CA GLY B 50 -1.62 -20.08 -3.47
C GLY B 50 -1.82 -20.34 -4.97
N LEU B 51 -1.06 -19.63 -5.85
CA LEU B 51 -1.03 -20.01 -7.26
C LEU B 51 0.34 -19.83 -7.91
N ILE B 52 0.53 -20.48 -9.06
CA ILE B 52 1.81 -20.29 -9.74
C ILE B 52 1.49 -19.96 -11.18
N THR B 53 2.34 -19.18 -11.85
CA THR B 53 2.03 -18.81 -13.23
C THR B 53 2.73 -19.78 -14.16
N GLY B 54 3.68 -20.58 -13.68
CA GLY B 54 4.45 -21.41 -14.61
C GLY B 54 3.93 -22.83 -14.55
N GLN B 55 4.83 -23.81 -14.70
CA GLN B 55 4.40 -25.21 -14.66
C GLN B 55 4.65 -25.85 -13.30
N LEU B 56 3.79 -26.81 -12.97
CA LEU B 56 3.90 -27.55 -11.73
C LEU B 56 4.57 -28.89 -12.03
N HIS B 57 5.64 -29.27 -11.33
CA HIS B 57 6.21 -30.57 -11.62
C HIS B 57 6.27 -31.30 -10.30
N ILE B 58 5.42 -32.31 -10.18
CA ILE B 58 5.47 -33.09 -8.95
C ILE B 58 5.99 -34.47 -9.31
N ASN B 59 7.13 -34.88 -8.75
CA ASN B 59 7.55 -36.25 -8.91
C ASN B 59 7.62 -36.66 -10.39
N ASP B 60 8.14 -35.83 -11.29
CA ASP B 60 8.30 -36.26 -12.68
C ASP B 60 9.76 -36.04 -13.08
N ASP B 61 10.04 -36.11 -14.38
CA ASP B 61 11.42 -36.08 -14.82
C ASP B 61 12.02 -34.70 -14.67
N THR B 62 11.22 -33.65 -14.99
CA THR B 62 11.65 -32.27 -14.83
C THR B 62 12.01 -32.01 -13.38
N SER B 63 11.15 -32.47 -12.49
CA SER B 63 11.41 -32.20 -11.11
C SER B 63 12.74 -32.86 -10.74
N THR B 64 12.97 -34.09 -11.21
CA THR B 64 14.20 -34.78 -10.84
C THR B 64 15.43 -34.00 -11.32
N GLN B 65 15.39 -33.60 -12.59
CA GLN B 65 16.43 -32.84 -13.27
C GLN B 65 16.67 -31.47 -12.61
N ALA B 66 15.58 -30.69 -12.46
CA ALA B 66 15.67 -29.38 -11.82
C ALA B 66 16.29 -29.54 -10.42
N PHE B 67 15.87 -30.55 -9.67
CA PHE B 67 16.40 -30.65 -8.31
C PHE B 67 17.90 -30.94 -8.34
N ALA B 68 18.28 -31.88 -9.22
CA ALA B 68 19.67 -32.28 -9.34
C ALA B 68 20.52 -31.06 -9.73
N ASP B 69 20.03 -30.25 -10.68
CA ASP B 69 20.68 -28.98 -11.07
C ASP B 69 20.86 -28.02 -9.88
N SER B 70 19.83 -27.96 -8.99
CA SER B 70 19.84 -27.03 -7.89
C SER B 70 20.95 -27.49 -6.98
N ARG B 71 21.10 -28.82 -6.83
CA ARG B 71 22.13 -29.29 -5.90
C ARG B 71 23.52 -29.10 -6.51
N THR B 72 23.60 -29.15 -7.87
CA THR B 72 24.86 -28.95 -8.58
C THR B 72 25.31 -27.51 -8.34
N ALA B 73 24.32 -26.59 -8.40
CA ALA B 73 24.58 -25.17 -8.21
C ALA B 73 25.04 -24.95 -6.78
N PHE B 74 24.39 -25.67 -5.86
CA PHE B 74 24.73 -25.53 -4.46
C PHE B 74 26.18 -25.92 -4.19
N VAL B 75 26.56 -27.11 -4.68
CA VAL B 75 27.89 -27.66 -4.48
C VAL B 75 28.89 -26.66 -5.09
N ALA B 76 28.55 -26.17 -6.27
CA ALA B 76 29.43 -25.23 -6.97
C ALA B 76 29.67 -24.01 -6.10
N GLY B 77 28.55 -23.44 -5.64
CA GLY B 77 28.60 -22.17 -4.94
C GLY B 77 29.43 -22.38 -3.67
N GLN B 78 29.29 -23.54 -3.03
CA GLN B 78 30.12 -23.70 -1.84
C GLN B 78 31.59 -23.93 -2.23
N ALA B 79 31.87 -24.34 -3.47
CA ALA B 79 33.24 -24.68 -3.80
C ALA B 79 34.05 -23.48 -4.28
N LEU B 80 33.42 -22.30 -4.48
CA LEU B 80 34.19 -21.14 -4.92
C LEU B 80 35.10 -20.68 -3.80
N ILE B 81 36.22 -20.08 -4.20
CA ILE B 81 37.15 -19.48 -3.24
C ILE B 81 36.55 -18.13 -2.82
N ALA B 82 36.58 -17.81 -1.52
CA ALA B 82 36.01 -16.50 -1.12
C ALA B 82 36.84 -15.34 -1.69
N THR B 83 36.22 -14.27 -2.21
CA THR B 83 37.02 -13.07 -2.38
C THR B 83 36.99 -12.18 -1.15
N VAL B 84 36.00 -12.30 -0.27
CA VAL B 84 36.04 -11.48 0.94
C VAL B 84 35.68 -12.42 2.06
N ASP B 85 36.57 -12.51 3.04
CA ASP B 85 36.32 -13.45 4.11
C ASP B 85 35.73 -12.64 5.27
N GLN B 86 34.45 -12.80 5.60
CA GLN B 86 33.84 -12.02 6.66
C GLN B 86 33.92 -12.77 7.98
N ALA B 87 34.47 -13.99 7.97
CA ALA B 87 34.72 -14.68 9.23
C ALA B 87 33.45 -14.76 10.09
N GLY B 88 33.50 -14.28 11.34
CA GLY B 88 32.44 -14.47 12.33
C GLY B 88 31.35 -13.40 12.26
N THR B 89 31.40 -12.45 11.32
CA THR B 89 30.44 -11.35 11.25
C THR B 89 29.02 -11.92 11.20
N ALA B 90 28.13 -11.33 12.00
CA ALA B 90 26.78 -11.85 12.15
C ALA B 90 25.73 -11.04 11.36
N THR B 91 26.09 -9.88 10.81
CA THR B 91 25.08 -8.99 10.25
C THR B 91 25.44 -8.66 8.80
N LEU B 92 24.43 -8.61 7.92
CA LEU B 92 24.60 -8.22 6.53
C LEU B 92 24.10 -6.80 6.37
N GLY B 93 23.22 -6.36 7.27
CA GLY B 93 22.56 -5.07 7.10
C GLY B 93 23.53 -3.91 7.24
N GLY B 94 23.19 -2.81 6.58
CA GLY B 94 23.99 -1.60 6.76
C GLY B 94 25.28 -1.66 5.93
N ASN B 95 25.37 -2.49 4.88
CA ASN B 95 26.56 -2.62 4.04
C ASN B 95 26.19 -2.30 2.61
N THR B 96 27.20 -1.87 1.85
CA THR B 96 27.16 -1.84 0.40
C THR B 96 28.28 -2.76 -0.09
N PHE B 97 27.96 -3.71 -0.98
CA PHE B 97 28.87 -4.78 -1.40
C PHE B 97 28.95 -4.75 -2.92
N VAL B 98 30.17 -4.56 -3.43
CA VAL B 98 30.41 -4.82 -4.83
C VAL B 98 30.54 -6.34 -5.01
N ALA B 99 30.55 -6.74 -6.31
CA ALA B 99 30.67 -8.13 -6.76
C ALA B 99 31.71 -8.87 -5.94
N GLY B 100 31.44 -10.15 -5.64
CA GLY B 100 32.44 -10.87 -4.87
C GLY B 100 31.89 -12.19 -4.37
N VAL B 101 32.74 -12.92 -3.69
CA VAL B 101 32.30 -14.16 -3.12
C VAL B 101 32.56 -13.96 -1.65
N TYR B 102 31.46 -13.92 -0.88
CA TYR B 102 31.62 -13.49 0.51
C TYR B 102 31.39 -14.67 1.43
N LYS B 103 32.31 -14.87 2.37
CA LYS B 103 32.31 -16.04 3.22
C LYS B 103 31.97 -15.63 4.65
N TYR B 104 30.95 -16.30 5.23
CA TYR B 104 30.52 -16.09 6.61
C TYR B 104 30.52 -17.47 7.26
N ASP B 105 31.19 -17.58 8.39
CA ASP B 105 31.47 -18.85 9.02
C ASP B 105 30.32 -19.24 9.93
N SER B 106 29.47 -18.30 10.37
CA SER B 106 28.37 -18.75 11.23
C SER B 106 27.05 -18.02 10.90
N ALA B 107 26.09 -18.03 11.84
CA ALA B 107 24.72 -17.61 11.60
C ALA B 107 24.70 -16.15 11.16
N VAL B 108 24.02 -15.79 10.05
CA VAL B 108 24.00 -14.37 9.72
C VAL B 108 22.55 -13.88 9.69
N GLY B 109 22.36 -12.58 9.93
CA GLY B 109 21.06 -11.91 9.86
C GLY B 109 21.10 -10.67 8.96
N LEU B 110 20.05 -10.45 8.18
CA LEU B 110 19.93 -9.21 7.45
C LEU B 110 18.78 -8.40 8.06
N ASP B 111 19.17 -7.35 8.81
CA ASP B 111 18.26 -6.40 9.44
C ASP B 111 18.49 -5.00 8.86
N GLY B 112 17.45 -4.37 8.34
CA GLY B 112 17.72 -3.13 7.65
C GLY B 112 17.89 -3.30 6.13
N VAL B 113 18.96 -2.72 5.57
CA VAL B 113 19.16 -2.59 4.14
C VAL B 113 20.57 -3.03 3.80
N LEU B 114 20.64 -3.86 2.77
CA LEU B 114 21.91 -4.25 2.19
C LEU B 114 21.83 -3.75 0.75
N THR B 115 22.87 -3.03 0.32
CA THR B 115 22.90 -2.57 -1.06
C THR B 115 23.94 -3.39 -1.82
N LEU B 116 23.57 -3.86 -3.01
CA LEU B 116 24.50 -4.55 -3.88
C LEU B 116 24.81 -3.64 -5.05
N ASP B 117 26.08 -3.30 -5.16
CA ASP B 117 26.51 -2.22 -6.06
C ASP B 117 27.22 -2.83 -7.26
N GLY B 118 26.58 -2.79 -8.42
CA GLY B 118 27.15 -3.51 -9.53
C GLY B 118 28.36 -2.78 -10.14
N ALA B 119 28.73 -1.63 -9.55
CA ALA B 119 29.73 -0.66 -9.99
C ALA B 119 29.68 -0.42 -11.50
N GLY B 120 28.50 -0.21 -12.09
CA GLY B 120 28.46 0.08 -13.52
C GLY B 120 28.69 -1.14 -14.41
N ASP B 121 28.93 -2.32 -13.83
CA ASP B 121 28.97 -3.58 -14.58
C ASP B 121 27.84 -4.57 -14.20
N ALA B 122 26.89 -4.73 -15.12
CA ALA B 122 25.72 -5.59 -14.99
C ALA B 122 26.10 -7.06 -14.84
N SER B 123 27.32 -7.44 -15.19
CA SER B 123 27.55 -8.86 -15.10
C SER B 123 28.27 -9.17 -13.78
N SER B 124 28.40 -8.16 -12.88
CA SER B 124 28.73 -8.38 -11.48
C SER B 124 27.97 -9.59 -10.88
N VAL B 125 28.62 -10.33 -9.96
CA VAL B 125 28.04 -11.50 -9.40
C VAL B 125 28.33 -11.47 -7.89
N TRP B 126 27.30 -11.79 -7.08
CA TRP B 126 27.55 -11.98 -5.66
C TRP B 126 27.22 -13.43 -5.36
N VAL B 127 28.13 -14.06 -4.61
CA VAL B 127 27.87 -15.35 -4.04
C VAL B 127 28.09 -15.21 -2.56
N PHE B 128 27.01 -15.42 -1.75
CA PHE B 128 27.14 -15.36 -0.30
C PHE B 128 27.20 -16.78 0.24
N GLN B 129 28.35 -17.09 0.84
CA GLN B 129 28.67 -18.42 1.32
C GLN B 129 28.40 -18.41 2.81
N LEU B 130 27.13 -18.78 3.12
CA LEU B 130 26.67 -18.71 4.50
C LEU B 130 26.75 -20.09 5.12
N ALA B 131 27.73 -20.28 6.01
CA ALA B 131 28.06 -21.62 6.46
C ALA B 131 26.87 -22.28 7.17
N THR B 132 26.06 -21.53 7.93
CA THR B 132 24.97 -22.15 8.69
C THR B 132 23.64 -21.53 8.24
N THR B 133 23.04 -20.67 9.08
CA THR B 133 21.69 -20.16 8.79
C THR B 133 21.74 -18.75 8.23
N LEU B 134 20.74 -18.44 7.38
CA LEU B 134 20.35 -17.09 7.03
C LEU B 134 19.00 -16.73 7.70
N VAL B 135 18.92 -15.56 8.39
CA VAL B 135 17.66 -14.94 8.82
C VAL B 135 17.57 -13.55 8.24
N THR B 136 16.51 -13.23 7.49
CA THR B 136 16.26 -11.82 7.19
C THR B 136 15.12 -11.36 8.10
N TYR B 137 15.24 -10.13 8.61
CA TYR B 137 14.32 -9.61 9.61
C TYR B 137 13.14 -8.91 8.95
N ALA B 138 12.15 -8.60 9.79
CA ALA B 138 10.89 -8.02 9.35
C ALA B 138 11.19 -6.76 8.53
N SER B 139 10.63 -6.69 7.31
CA SER B 139 10.78 -5.45 6.57
C SER B 139 12.21 -5.17 6.10
N SER B 140 13.18 -6.12 6.19
CA SER B 140 14.52 -5.92 5.63
C SER B 140 14.39 -5.84 4.12
N SER B 141 15.42 -5.31 3.45
CA SER B 141 15.33 -5.10 2.03
C SER B 141 16.72 -5.10 1.39
N ILE B 142 16.78 -5.46 0.10
CA ILE B 142 18.00 -5.32 -0.67
C ILE B 142 17.77 -4.23 -1.69
N ILE B 143 18.74 -3.30 -1.77
CA ILE B 143 18.76 -2.36 -2.88
C ILE B 143 19.80 -2.84 -3.89
N LEU B 144 19.42 -2.89 -5.18
CA LEU B 144 20.31 -3.14 -6.31
C LEU B 144 20.68 -1.77 -6.88
N THR B 145 21.97 -1.44 -7.02
CA THR B 145 22.38 -0.20 -7.71
C THR B 145 23.43 -0.46 -8.80
N ASN B 146 23.52 0.49 -9.76
CA ASN B 146 24.66 0.59 -10.67
C ASN B 146 24.77 -0.70 -11.45
N GLY B 147 23.60 -1.22 -11.89
CA GLY B 147 23.50 -2.36 -12.81
C GLY B 147 23.43 -3.73 -12.15
N ALA B 148 23.53 -3.82 -10.81
CA ALA B 148 23.38 -5.10 -10.12
C ALA B 148 22.07 -5.79 -10.52
N LYS B 149 22.14 -7.07 -10.92
CA LYS B 149 20.94 -7.82 -11.29
C LYS B 149 20.68 -8.96 -10.30
N ALA B 150 19.39 -9.22 -9.98
CA ALA B 150 19.05 -10.17 -8.91
C ALA B 150 19.50 -11.58 -9.33
N ASN B 151 19.33 -11.87 -10.63
CA ASN B 151 19.68 -13.17 -11.17
C ASN B 151 21.19 -13.45 -11.06
N ASN B 152 22.00 -12.46 -10.67
CA ASN B 152 23.42 -12.68 -10.48
C ASN B 152 23.75 -12.67 -9.00
N VAL B 153 22.71 -12.87 -8.15
CA VAL B 153 22.96 -12.93 -6.72
C VAL B 153 22.61 -14.35 -6.28
N PHE B 154 23.51 -14.94 -5.49
CA PHE B 154 23.35 -16.33 -5.07
C PHE B 154 23.58 -16.39 -3.58
N TRP B 155 22.54 -16.83 -2.84
CA TRP B 155 22.59 -17.05 -1.40
C TRP B 155 22.79 -18.55 -1.23
N ILE B 156 24.00 -18.94 -0.82
CA ILE B 156 24.36 -20.33 -0.62
C ILE B 156 24.34 -20.61 0.85
N VAL B 157 23.23 -21.23 1.26
CA VAL B 157 22.96 -21.35 2.67
C VAL B 157 23.22 -22.79 3.10
N GLY B 158 24.13 -22.89 4.06
CA GLY B 158 24.67 -24.17 4.50
C GLY B 158 23.61 -24.92 5.30
N TYR B 159 22.65 -24.23 5.97
CA TYR B 159 21.55 -24.92 6.62
C TYR B 159 20.20 -24.37 6.14
N SER B 160 19.51 -23.62 7.02
CA SER B 160 18.18 -23.13 6.66
C SER B 160 18.24 -21.62 6.40
N ALA B 161 17.28 -21.16 5.56
CA ALA B 161 17.02 -19.75 5.35
C ALA B 161 15.60 -19.37 5.80
N THR B 162 15.49 -18.28 6.58
CA THR B 162 14.21 -17.79 7.09
C THR B 162 14.09 -16.34 6.71
N LEU B 163 13.03 -16.02 5.97
CA LEU B 163 12.84 -14.66 5.45
C LEU B 163 11.77 -13.96 6.30
N GLY B 164 12.06 -12.72 6.73
CA GLY B 164 11.23 -12.01 7.70
C GLY B 164 9.88 -11.58 7.15
N THR B 165 8.92 -11.27 8.05
CA THR B 165 7.60 -10.82 7.60
C THR B 165 7.74 -9.56 6.73
N TYR B 166 7.03 -9.52 5.61
CA TYR B 166 7.01 -8.33 4.79
C TYR B 166 8.42 -7.91 4.38
N SER B 167 9.38 -8.85 4.32
CA SER B 167 10.72 -8.50 3.93
C SER B 167 10.84 -8.62 2.40
N HIS B 168 11.96 -8.10 1.89
CA HIS B 168 12.11 -8.11 0.44
C HIS B 168 13.54 -8.61 0.11
N LEU B 169 13.64 -9.67 -0.70
CA LEU B 169 14.95 -10.21 -1.02
C LEU B 169 15.15 -10.20 -2.55
N GLU B 170 16.42 -10.06 -2.96
CA GLU B 170 16.82 -10.16 -4.35
C GLU B 170 17.84 -11.32 -4.37
N GLY B 171 17.67 -12.25 -5.32
CA GLY B 171 18.70 -13.27 -5.46
C GLY B 171 18.16 -14.71 -5.42
N ASN B 172 19.00 -15.65 -5.81
CA ASN B 172 18.64 -17.07 -5.80
C ASN B 172 19.05 -17.66 -4.46
N VAL B 173 18.05 -18.14 -3.67
CA VAL B 173 18.34 -18.71 -2.36
C VAL B 173 18.49 -20.21 -2.59
N ILE B 174 19.68 -20.73 -2.33
CA ILE B 174 19.95 -22.13 -2.62
C ILE B 174 20.38 -22.69 -1.28
N ALA B 175 19.41 -23.30 -0.58
CA ALA B 175 19.69 -23.67 0.79
C ALA B 175 19.88 -25.19 0.82
N ASN B 176 20.71 -25.61 1.76
CA ASN B 176 20.92 -27.02 1.99
C ASN B 176 19.67 -27.65 2.62
N ALA B 177 18.95 -26.92 3.48
CA ALA B 177 17.79 -27.45 4.19
C ALA B 177 16.55 -26.58 3.92
N LEU B 178 15.85 -26.19 4.99
CA LEU B 178 14.53 -25.57 4.92
C LEU B 178 14.66 -24.14 4.43
N ILE B 179 13.76 -23.74 3.54
CA ILE B 179 13.56 -22.30 3.32
C ILE B 179 12.14 -21.95 3.78
N ALA B 180 12.05 -21.05 4.79
CA ALA B 180 10.77 -20.65 5.36
C ALA B 180 10.62 -19.14 5.13
N ALA B 181 9.63 -18.78 4.30
CA ALA B 181 9.36 -17.39 3.98
C ALA B 181 8.15 -16.98 4.84
N GLN B 182 8.30 -16.04 5.76
CA GLN B 182 7.18 -15.63 6.61
C GLN B 182 6.24 -14.71 5.86
N THR B 183 5.17 -14.33 6.58
CA THR B 183 4.01 -13.69 5.98
C THR B 183 4.42 -12.45 5.17
N GLY B 184 4.03 -12.40 3.87
CA GLY B 184 4.17 -11.11 3.19
C GLY B 184 5.59 -10.96 2.58
N ALA B 185 6.54 -11.90 2.78
CA ALA B 185 7.88 -11.66 2.23
C ALA B 185 7.80 -11.71 0.71
N THR B 186 8.62 -10.88 0.01
CA THR B 186 8.66 -10.95 -1.45
C THR B 186 10.10 -11.21 -1.88
N ILE B 187 10.29 -12.00 -2.94
CA ILE B 187 11.59 -12.42 -3.45
C ILE B 187 11.55 -12.18 -4.96
N ASN B 188 12.57 -11.46 -5.44
CA ASN B 188 12.92 -11.43 -6.85
C ASN B 188 14.10 -12.39 -6.96
N GLY B 189 13.80 -13.61 -7.40
CA GLY B 189 14.74 -14.69 -7.12
C GLY B 189 14.01 -16.01 -7.13
N ALA B 190 14.49 -16.94 -6.31
CA ALA B 190 14.08 -18.35 -6.41
C ALA B 190 14.40 -18.97 -5.06
N LEU B 191 13.52 -19.92 -4.66
CA LEU B 191 13.71 -20.57 -3.37
C LEU B 191 13.93 -22.05 -3.69
N LEU B 192 15.20 -22.46 -3.67
CA LEU B 192 15.62 -23.81 -4.05
C LEU B 192 16.17 -24.46 -2.78
N ALA B 193 15.29 -25.22 -2.10
CA ALA B 193 15.62 -25.73 -0.79
C ALA B 193 16.13 -27.17 -0.93
N GLY B 194 16.84 -27.64 0.08
CA GLY B 194 17.29 -29.01 0.14
C GLY B 194 16.31 -29.90 0.91
N SER B 195 15.21 -29.38 1.44
CA SER B 195 14.26 -30.23 2.17
C SER B 195 12.86 -29.81 1.82
N ALA B 196 12.43 -28.67 2.41
CA ALA B 196 11.12 -28.17 2.03
C ALA B 196 11.16 -26.65 1.88
N VAL B 197 10.21 -26.10 1.13
CA VAL B 197 9.91 -24.67 1.14
C VAL B 197 8.56 -24.47 1.83
N THR B 198 8.49 -23.52 2.79
CA THR B 198 7.22 -23.10 3.35
C THR B 198 7.06 -21.60 3.07
N LEU B 199 5.86 -21.26 2.66
CA LEU B 199 5.44 -19.96 2.19
C LEU B 199 4.23 -19.52 3.02
N ASP B 200 4.17 -18.22 3.27
CA ASP B 200 2.97 -17.60 3.81
C ASP B 200 2.73 -16.26 3.07
N SER B 201 1.77 -16.21 2.13
CA SER B 201 1.37 -14.96 1.49
C SER B 201 2.60 -14.26 0.91
N ASN B 202 3.28 -14.93 -0.03
CA ASN B 202 4.50 -14.36 -0.57
C ASN B 202 4.27 -14.08 -2.05
N THR B 203 5.21 -13.33 -2.62
CA THR B 203 5.40 -13.29 -4.07
C THR B 203 6.85 -13.64 -4.37
N VAL B 204 7.02 -14.61 -5.25
CA VAL B 204 8.34 -15.07 -5.62
C VAL B 204 8.37 -14.90 -7.13
N THR B 205 9.28 -14.06 -7.66
CA THR B 205 9.27 -13.78 -9.09
C THR B 205 10.62 -14.16 -9.65
N VAL B 206 10.63 -15.22 -10.48
CA VAL B 206 11.89 -15.75 -11.02
C VAL B 206 12.47 -14.67 -11.94
N GLN B 207 13.75 -14.37 -11.80
CA GLN B 207 14.40 -13.36 -12.65
C GLN B 207 15.24 -14.07 -13.73
N ASN B 208 15.09 -13.65 -14.99
CA ASN B 208 16.06 -13.99 -16.04
C ASN B 208 17.07 -12.85 -16.08
N SER B 209 18.04 -12.89 -17.01
CA SER B 209 19.00 -11.80 -17.12
C SER B 209 20.05 -12.11 -18.20
N THR C 7 -21.45 27.19 -5.18
CA THR C 7 -22.55 26.49 -4.45
C THR C 7 -21.98 26.06 -3.07
N GLY C 8 -22.12 24.79 -2.65
CA GLY C 8 -21.40 24.21 -1.50
C GLY C 8 -22.27 24.10 -0.23
N LEU C 9 -22.99 22.98 -0.03
CA LEU C 9 -23.96 22.75 1.06
C LEU C 9 -23.29 22.77 2.44
N ASP C 10 -23.96 23.33 3.45
CA ASP C 10 -23.36 23.45 4.77
C ASP C 10 -23.85 22.28 5.64
N LEU C 11 -22.96 21.47 6.22
CA LEU C 11 -23.39 20.28 6.94
C LEU C 11 -23.59 20.59 8.41
N GLY C 12 -23.22 21.80 8.84
CA GLY C 12 -23.44 22.21 10.21
C GLY C 12 -22.73 21.24 11.15
N ALA C 13 -23.38 20.82 12.23
CA ALA C 13 -22.75 19.97 13.23
C ALA C 13 -22.49 18.52 12.71
N ALA C 14 -23.04 18.16 11.54
CA ALA C 14 -22.81 16.89 10.86
C ALA C 14 -21.45 16.88 10.19
N SER C 15 -20.73 17.98 10.24
CA SER C 15 -19.68 17.98 9.25
C SER C 15 -18.41 17.35 9.82
N SER C 16 -18.32 17.04 11.14
CA SER C 16 -17.14 16.31 11.60
C SER C 16 -17.36 14.78 11.52
N PHE C 17 -18.51 14.34 10.99
CA PHE C 17 -19.00 12.97 11.15
C PHE C 17 -18.61 12.15 9.92
N GLY C 18 -17.94 11.01 10.19
CA GLY C 18 -17.75 10.05 9.09
C GLY C 18 -18.94 9.13 8.83
N ALA C 19 -19.68 8.84 9.93
CA ALA C 19 -20.90 8.02 9.80
C ALA C 19 -21.93 8.52 10.81
N LEU C 20 -23.15 8.70 10.29
CA LEU C 20 -24.24 9.28 11.06
C LEU C 20 -25.54 8.73 10.51
N ALA C 21 -26.37 8.19 11.43
CA ALA C 21 -27.68 7.66 11.07
C ALA C 21 -28.61 7.70 12.27
N PRO C 22 -29.93 7.86 12.05
CA PRO C 22 -30.85 7.89 13.21
C PRO C 22 -31.03 6.53 13.86
N GLN C 23 -31.10 5.46 13.08
CA GLN C 23 -31.37 4.16 13.68
C GLN C 23 -30.10 3.50 14.21
N GLY C 24 -28.97 3.62 13.50
CA GLY C 24 -27.75 3.05 14.07
C GLY C 24 -26.67 2.85 13.01
N VAL C 25 -25.50 2.32 13.44
CA VAL C 25 -24.41 2.01 12.53
C VAL C 25 -23.99 0.62 12.89
N ALA C 26 -23.92 -0.25 11.87
CA ALA C 26 -23.53 -1.64 12.09
C ALA C 26 -22.29 -1.89 11.28
N ASN C 27 -21.24 -2.33 11.96
CA ASN C 27 -19.95 -2.59 11.33
C ASN C 27 -19.54 -4.07 11.48
N ALA C 28 -18.91 -4.62 10.44
CA ALA C 28 -18.10 -5.82 10.54
C ALA C 28 -16.69 -5.46 10.09
N GLY C 29 -15.71 -6.19 10.63
CA GLY C 29 -14.33 -6.07 10.18
C GLY C 29 -13.60 -4.82 10.72
N ALA C 30 -12.30 -4.72 10.39
CA ALA C 30 -11.40 -3.72 10.93
C ALA C 30 -11.63 -2.36 10.24
N THR C 31 -12.85 -1.83 10.31
CA THR C 31 -13.19 -0.51 9.77
C THR C 31 -12.43 0.56 10.51
N VAL C 32 -11.98 1.58 9.77
CA VAL C 32 -11.47 2.79 10.44
C VAL C 32 -12.27 4.01 9.97
N ILE C 33 -12.81 4.79 10.92
CA ILE C 33 -13.55 6.03 10.62
C ILE C 33 -12.68 7.17 11.11
N ASN C 34 -12.19 8.00 10.18
CA ASN C 34 -11.36 9.14 10.56
C ASN C 34 -12.29 10.34 10.62
N GLY C 35 -12.75 10.60 11.83
CA GLY C 35 -13.96 11.40 11.96
C GLY C 35 -14.80 10.96 13.17
N ASP C 36 -15.93 11.63 13.31
CA ASP C 36 -16.83 11.32 14.41
C ASP C 36 -17.82 10.28 13.91
N MET C 37 -18.55 9.67 14.87
CA MET C 37 -19.60 8.75 14.50
C MET C 37 -20.76 8.94 15.48
N GLY C 38 -21.96 8.87 14.92
CA GLY C 38 -23.08 9.18 15.77
C GLY C 38 -24.37 8.52 15.33
N THR C 39 -25.24 8.43 16.33
CA THR C 39 -26.61 7.98 16.10
C THR C 39 -27.54 8.68 17.09
N THR C 40 -28.71 9.08 16.62
CA THR C 40 -29.72 9.55 17.56
C THR C 40 -30.34 8.35 18.27
N GLY C 41 -30.33 7.17 17.63
CA GLY C 41 -30.75 5.93 18.29
C GLY C 41 -29.70 5.39 19.28
N THR C 42 -29.64 4.06 19.44
CA THR C 42 -28.67 3.51 20.39
C THR C 42 -27.88 2.34 19.77
N SER C 43 -28.16 1.97 18.52
CA SER C 43 -27.58 0.74 18.04
C SER C 43 -26.29 1.08 17.26
N ILE C 44 -25.13 1.01 17.94
CA ILE C 44 -23.79 1.05 17.34
C ILE C 44 -23.16 -0.32 17.50
N THR C 45 -22.93 -1.09 16.44
CA THR C 45 -22.27 -2.35 16.73
C THR C 45 -21.03 -2.52 15.87
N GLY C 46 -20.10 -3.32 16.37
CA GLY C 46 -18.99 -3.79 15.55
C GLY C 46 -17.74 -2.93 15.78
N PHE C 47 -17.71 -2.18 16.89
CA PHE C 47 -16.56 -1.40 17.27
C PHE C 47 -16.20 -1.81 18.70
N PRO C 48 -15.18 -2.62 18.97
CA PRO C 48 -14.33 -3.26 17.96
C PRO C 48 -15.08 -4.34 17.20
N PRO C 49 -14.56 -4.92 16.11
CA PRO C 49 -13.21 -4.62 15.62
C PRO C 49 -13.06 -3.32 14.82
N GLY C 50 -14.13 -2.55 14.57
CA GLY C 50 -14.00 -1.22 13.96
C GLY C 50 -13.45 -0.20 14.97
N LEU C 51 -12.96 0.95 14.49
CA LEU C 51 -12.36 1.96 15.36
C LEU C 51 -12.75 3.32 14.77
N ILE C 52 -12.91 4.34 15.62
CA ILE C 52 -13.11 5.69 15.07
C ILE C 52 -12.04 6.57 15.70
N THR C 53 -11.55 7.58 14.97
CA THR C 53 -10.56 8.49 15.56
C THR C 53 -11.25 9.65 16.29
N GLY C 54 -12.49 10.01 15.93
CA GLY C 54 -13.12 11.18 16.55
C GLY C 54 -13.96 10.88 17.78
N GLN C 55 -15.10 11.57 17.92
CA GLN C 55 -15.92 11.42 19.09
C GLN C 55 -17.10 10.52 18.72
N LEU C 56 -17.59 9.74 19.68
CA LEU C 56 -18.75 8.89 19.50
C LEU C 56 -19.95 9.62 20.13
N HIS C 57 -21.03 9.86 19.39
CA HIS C 57 -22.22 10.53 19.93
C HIS C 57 -23.43 9.62 19.77
N ILE C 58 -23.86 9.06 20.89
CA ILE C 58 -24.97 8.12 20.86
C ILE C 58 -26.15 8.74 21.59
N ASN C 59 -27.18 9.11 20.85
CA ASN C 59 -28.40 9.53 21.51
C ASN C 59 -28.11 10.72 22.42
N ASP C 60 -27.44 11.77 21.91
CA ASP C 60 -27.16 12.92 22.76
C ASP C 60 -27.47 14.17 21.95
N ASP C 61 -27.19 15.36 22.53
CA ASP C 61 -27.61 16.58 21.84
C ASP C 61 -26.80 16.81 20.59
N THR C 62 -25.48 16.51 20.63
CA THR C 62 -24.72 16.54 19.37
C THR C 62 -25.39 15.67 18.32
N SER C 63 -25.73 14.41 18.67
CA SER C 63 -26.26 13.56 17.62
C SER C 63 -27.56 14.13 17.05
N THR C 64 -28.38 14.71 17.94
CA THR C 64 -29.65 15.37 17.57
C THR C 64 -29.40 16.50 16.57
N GLN C 65 -28.47 17.38 16.95
CA GLN C 65 -28.11 18.50 16.08
C GLN C 65 -27.49 18.05 14.77
N ALA C 66 -26.49 17.14 14.86
CA ALA C 66 -25.77 16.73 13.67
C ALA C 66 -26.80 16.12 12.75
N PHE C 67 -27.66 15.28 13.35
CA PHE C 67 -28.58 14.59 12.48
C PHE C 67 -29.51 15.60 11.81
N ALA C 68 -30.00 16.58 12.59
CA ALA C 68 -30.89 17.59 12.03
C ALA C 68 -30.18 18.36 10.92
N ASP C 69 -28.90 18.76 11.15
CA ASP C 69 -28.16 19.50 10.11
C ASP C 69 -27.98 18.66 8.84
N SER C 70 -27.88 17.33 9.05
CA SER C 70 -27.68 16.48 7.91
C SER C 70 -28.93 16.53 7.00
N ARG C 71 -30.09 16.52 7.67
CA ARG C 71 -31.38 16.56 6.99
C ARG C 71 -31.59 17.93 6.28
N THR C 72 -31.22 19.04 6.96
CA THR C 72 -31.29 20.34 6.31
C THR C 72 -30.44 20.30 5.05
N ALA C 73 -29.21 19.74 5.18
CA ALA C 73 -28.35 19.67 4.00
C ALA C 73 -29.01 18.83 2.91
N PHE C 74 -29.71 17.75 3.29
CA PHE C 74 -30.35 16.93 2.28
C PHE C 74 -31.46 17.71 1.52
N VAL C 75 -32.33 18.49 2.21
CA VAL C 75 -33.41 19.16 1.48
C VAL C 75 -32.84 20.26 0.60
N ALA C 76 -31.97 21.10 1.19
CA ALA C 76 -31.14 22.06 0.49
C ALA C 76 -30.54 21.47 -0.78
N GLY C 77 -29.95 20.27 -0.68
CA GLY C 77 -29.32 19.73 -1.88
C GLY C 77 -30.36 19.26 -2.92
N GLN C 78 -31.50 18.81 -2.43
CA GLN C 78 -32.58 18.44 -3.33
C GLN C 78 -33.27 19.66 -3.95
N ALA C 79 -33.38 20.76 -3.20
CA ALA C 79 -33.87 22.07 -3.62
C ALA C 79 -33.10 22.67 -4.80
N LEU C 80 -31.77 22.53 -4.89
CA LEU C 80 -31.03 23.32 -5.88
C LEU C 80 -31.54 23.06 -7.30
N ILE C 81 -31.35 24.06 -8.18
CA ILE C 81 -31.82 23.86 -9.53
C ILE C 81 -30.70 23.18 -10.32
N ALA C 82 -31.08 22.13 -11.08
CA ALA C 82 -30.14 21.37 -11.89
C ALA C 82 -29.44 22.34 -12.83
N THR C 83 -28.13 22.18 -13.01
CA THR C 83 -27.43 22.79 -14.13
C THR C 83 -27.22 21.75 -15.24
N VAL C 84 -27.38 20.45 -14.97
CA VAL C 84 -27.26 19.49 -16.07
C VAL C 84 -28.32 18.42 -15.89
N ASP C 85 -29.23 18.31 -16.84
CA ASP C 85 -30.31 17.36 -16.63
C ASP C 85 -29.86 16.05 -17.25
N GLN C 86 -29.72 14.98 -16.46
CA GLN C 86 -29.23 13.76 -17.08
C GLN C 86 -30.41 12.86 -17.33
N ALA C 87 -31.59 13.27 -16.84
CA ALA C 87 -32.81 12.50 -17.13
C ALA C 87 -32.65 11.08 -16.59
N GLY C 88 -32.77 10.10 -17.49
CA GLY C 88 -32.78 8.70 -17.13
C GLY C 88 -31.44 8.03 -17.37
N THR C 89 -30.34 8.78 -17.47
CA THR C 89 -29.04 8.11 -17.64
C THR C 89 -28.78 7.22 -16.43
N ALA C 90 -28.33 5.99 -16.71
CA ALA C 90 -28.18 4.94 -15.70
C ALA C 90 -26.72 4.77 -15.26
N THR C 91 -25.74 5.29 -16.04
CA THR C 91 -24.32 5.06 -15.75
C THR C 91 -23.60 6.38 -15.44
N LEU C 92 -22.65 6.37 -14.48
CA LEU C 92 -21.79 7.50 -14.14
C LEU C 92 -20.35 7.25 -14.61
N GLY C 93 -19.98 5.99 -14.85
CA GLY C 93 -18.58 5.69 -15.13
C GLY C 93 -18.13 6.04 -16.56
N GLY C 94 -16.82 6.29 -16.72
CA GLY C 94 -16.24 6.69 -17.99
C GLY C 94 -16.47 8.18 -18.29
N ASN C 95 -16.83 9.01 -17.29
CA ASN C 95 -17.17 10.40 -17.55
C ASN C 95 -16.21 11.30 -16.81
N THR C 96 -16.14 12.55 -17.28
CA THR C 96 -15.46 13.63 -16.56
C THR C 96 -16.43 14.79 -16.46
N PHE C 97 -16.64 15.32 -15.27
CA PHE C 97 -17.71 16.27 -15.10
C PHE C 97 -17.10 17.46 -14.41
N VAL C 98 -17.49 18.66 -14.85
CA VAL C 98 -17.03 19.90 -14.24
C VAL C 98 -18.05 20.32 -13.18
N ALA C 99 -17.71 21.29 -12.33
CA ALA C 99 -18.63 21.79 -11.31
C ALA C 99 -20.06 21.84 -11.87
N GLY C 100 -21.07 21.60 -11.05
CA GLY C 100 -22.38 21.33 -11.62
C GLY C 100 -23.37 20.80 -10.58
N VAL C 101 -24.67 20.96 -10.88
CA VAL C 101 -25.72 20.27 -10.15
C VAL C 101 -26.33 19.29 -11.13
N TYR C 102 -25.96 18.00 -10.99
CA TYR C 102 -26.45 17.02 -11.96
C TYR C 102 -27.67 16.30 -11.36
N LYS C 103 -28.64 16.02 -12.23
CA LYS C 103 -29.95 15.56 -11.81
C LYS C 103 -30.21 14.32 -12.63
N TYR C 104 -30.42 13.22 -11.91
CA TYR C 104 -30.70 11.93 -12.53
C TYR C 104 -32.04 11.47 -11.99
N ASP C 105 -32.83 10.83 -12.84
CA ASP C 105 -34.24 10.65 -12.53
C ASP C 105 -34.49 9.24 -12.00
N SER C 106 -33.71 8.23 -12.42
CA SER C 106 -33.87 6.90 -11.84
C SER C 106 -32.54 6.33 -11.32
N ALA C 107 -32.45 4.99 -11.27
CA ALA C 107 -31.37 4.33 -10.53
C ALA C 107 -30.04 4.62 -11.23
N VAL C 108 -28.98 5.09 -10.52
CA VAL C 108 -27.68 5.26 -11.19
C VAL C 108 -26.64 4.25 -10.68
N GLY C 109 -25.74 3.81 -11.56
CA GLY C 109 -24.64 2.93 -11.24
C GLY C 109 -23.31 3.54 -11.69
N LEU C 110 -22.23 3.23 -10.93
CA LEU C 110 -20.88 3.68 -11.24
C LEU C 110 -19.98 2.45 -11.38
N ASP C 111 -19.73 2.10 -12.63
CA ASP C 111 -18.76 1.05 -12.94
C ASP C 111 -17.52 1.68 -13.60
N GLY C 112 -16.27 1.28 -13.26
CA GLY C 112 -15.05 1.92 -13.78
C GLY C 112 -14.75 3.23 -13.03
N VAL C 113 -14.35 4.32 -13.74
CA VAL C 113 -13.92 5.55 -13.07
C VAL C 113 -14.79 6.74 -13.45
N LEU C 114 -15.07 7.63 -12.49
CA LEU C 114 -15.72 8.91 -12.71
C LEU C 114 -14.73 9.97 -12.27
N THR C 115 -14.50 11.00 -13.11
CA THR C 115 -13.53 12.04 -12.81
C THR C 115 -14.26 13.35 -12.60
N LEU C 116 -13.80 14.06 -11.59
CA LEU C 116 -14.42 15.31 -11.22
C LEU C 116 -13.33 16.35 -11.46
N ASP C 117 -13.56 17.15 -12.51
CA ASP C 117 -12.61 18.13 -13.04
C ASP C 117 -12.94 19.50 -12.47
N GLY C 118 -12.11 19.95 -11.52
CA GLY C 118 -12.22 21.26 -10.90
C GLY C 118 -11.85 22.42 -11.85
N ALA C 119 -11.37 22.09 -13.05
CA ALA C 119 -11.05 23.07 -14.10
C ALA C 119 -10.32 24.27 -13.49
N GLY C 120 -9.20 24.02 -12.83
CA GLY C 120 -8.36 25.04 -12.23
C GLY C 120 -9.01 25.77 -11.07
N ASP C 121 -10.29 25.51 -10.81
CA ASP C 121 -11.03 26.24 -9.77
C ASP C 121 -11.46 25.34 -8.60
N ALA C 122 -10.84 25.59 -7.42
CA ALA C 122 -10.81 24.76 -6.23
C ALA C 122 -12.11 24.93 -5.44
N SER C 123 -12.87 25.94 -5.81
CA SER C 123 -14.13 25.98 -5.12
C SER C 123 -15.22 25.52 -6.09
N SER C 124 -14.84 24.85 -7.19
CA SER C 124 -15.79 24.02 -7.93
C SER C 124 -16.66 23.17 -6.98
N VAL C 125 -17.95 22.97 -7.32
CA VAL C 125 -18.90 22.25 -6.47
C VAL C 125 -19.68 21.24 -7.29
N TRP C 126 -19.82 20.01 -6.77
CA TRP C 126 -20.68 19.02 -7.41
C TRP C 126 -21.77 18.57 -6.44
N VAL C 127 -23.02 18.61 -6.93
CA VAL C 127 -24.15 18.06 -6.22
C VAL C 127 -24.76 17.09 -7.21
N PHE C 128 -24.72 15.78 -6.88
CA PHE C 128 -25.43 14.80 -7.68
C PHE C 128 -26.79 14.52 -7.03
N GLN C 129 -27.86 14.79 -7.77
CA GLN C 129 -29.21 14.68 -7.22
C GLN C 129 -29.74 13.41 -7.84
N LEU C 130 -29.72 12.35 -7.04
CA LEU C 130 -29.98 11.04 -7.59
C LEU C 130 -31.33 10.71 -6.99
N ALA C 131 -32.29 10.46 -7.87
CA ALA C 131 -33.66 10.54 -7.41
C ALA C 131 -33.96 9.27 -6.63
N THR C 132 -33.36 8.14 -7.03
CA THR C 132 -33.60 6.93 -6.29
C THR C 132 -32.31 6.40 -5.64
N THR C 133 -31.77 5.30 -6.18
CA THR C 133 -30.66 4.57 -5.58
C THR C 133 -29.34 4.96 -6.25
N LEU C 134 -28.24 4.82 -5.48
CA LEU C 134 -26.88 4.83 -6.03
C LEU C 134 -26.23 3.48 -5.75
N VAL C 135 -25.61 2.91 -6.78
CA VAL C 135 -24.89 1.66 -6.65
C VAL C 135 -23.54 1.88 -7.31
N THR C 136 -22.44 1.70 -6.57
CA THR C 136 -21.12 1.70 -7.21
C THR C 136 -20.65 0.26 -7.27
N TYR C 137 -19.89 -0.10 -8.28
CA TYR C 137 -19.51 -1.51 -8.46
C TYR C 137 -18.12 -1.78 -7.87
N ALA C 138 -17.74 -3.05 -7.89
CA ALA C 138 -16.47 -3.52 -7.34
C ALA C 138 -15.29 -2.73 -7.93
N SER C 139 -14.49 -2.12 -7.06
CA SER C 139 -13.23 -1.51 -7.41
C SER C 139 -13.48 -0.30 -8.30
N SER C 140 -14.71 0.21 -8.34
CA SER C 140 -14.97 1.44 -9.08
C SER C 140 -14.32 2.58 -8.31
N SER C 141 -14.10 3.73 -9.00
CA SER C 141 -13.46 4.82 -8.29
C SER C 141 -13.95 6.21 -8.73
N ILE C 142 -13.83 7.16 -7.82
CA ILE C 142 -13.99 8.55 -8.16
C ILE C 142 -12.63 9.22 -7.95
N ILE C 143 -12.14 9.90 -9.01
CA ILE C 143 -10.89 10.65 -9.16
C ILE C 143 -11.16 12.18 -9.17
N LEU C 144 -10.38 12.94 -8.41
CA LEU C 144 -10.47 14.39 -8.45
C LEU C 144 -9.29 14.94 -9.28
N THR C 145 -9.48 15.84 -10.27
CA THR C 145 -8.37 16.55 -10.93
C THR C 145 -8.51 18.08 -10.81
N ASN C 146 -7.40 18.77 -11.13
CA ASN C 146 -7.38 20.20 -11.46
C ASN C 146 -8.07 21.04 -10.39
N GLY C 147 -7.76 20.78 -9.11
CA GLY C 147 -8.28 21.55 -8.00
C GLY C 147 -9.59 21.00 -7.36
N ALA C 148 -10.30 20.02 -7.98
CA ALA C 148 -11.49 19.42 -7.33
C ALA C 148 -11.19 18.96 -5.90
N LYS C 149 -12.00 19.37 -4.91
CA LYS C 149 -11.87 18.97 -3.52
C LYS C 149 -13.08 18.10 -3.13
N ALA C 150 -12.80 17.00 -2.43
CA ALA C 150 -13.80 15.98 -2.07
C ALA C 150 -14.88 16.59 -1.20
N ASN C 151 -14.50 17.49 -0.28
CA ASN C 151 -15.50 18.09 0.56
C ASN C 151 -16.48 18.98 -0.20
N ASN C 152 -16.30 19.17 -1.52
CA ASN C 152 -17.24 20.00 -2.27
C ASN C 152 -18.04 19.10 -3.18
N VAL C 153 -17.97 17.78 -2.92
CA VAL C 153 -18.76 16.80 -3.63
C VAL C 153 -19.89 16.35 -2.72
N PHE C 154 -21.09 16.23 -3.29
CA PHE C 154 -22.27 15.90 -2.48
C PHE C 154 -23.05 14.89 -3.29
N TRP C 155 -23.33 13.71 -2.69
CA TRP C 155 -24.19 12.75 -3.35
C TRP C 155 -25.55 12.76 -2.65
N ILE C 156 -26.55 13.36 -3.33
CA ILE C 156 -27.86 13.56 -2.73
C ILE C 156 -28.70 12.36 -3.14
N VAL C 157 -28.86 11.43 -2.19
CA VAL C 157 -29.39 10.16 -2.68
C VAL C 157 -30.81 9.98 -2.21
N GLY C 158 -31.67 9.71 -3.18
CA GLY C 158 -33.10 9.76 -2.92
C GLY C 158 -33.60 8.60 -2.09
N TYR C 159 -33.06 7.39 -2.31
CA TYR C 159 -33.38 6.29 -1.43
C TYR C 159 -32.09 5.81 -0.72
N SER C 160 -31.51 4.74 -1.24
CA SER C 160 -30.37 4.10 -0.59
C SER C 160 -29.09 4.21 -1.44
N ALA C 161 -27.92 4.29 -0.78
CA ALA C 161 -26.66 4.20 -1.49
C ALA C 161 -25.93 2.91 -1.10
N THR C 162 -25.44 2.14 -2.06
CA THR C 162 -24.68 0.93 -1.85
C THR C 162 -23.34 1.05 -2.55
N LEU C 163 -22.23 1.10 -1.78
CA LEU C 163 -20.87 1.21 -2.34
C LEU C 163 -20.32 -0.20 -2.57
N GLY C 164 -19.69 -0.47 -3.74
CA GLY C 164 -19.23 -1.77 -4.20
C GLY C 164 -18.01 -2.27 -3.42
N THR C 165 -17.72 -3.58 -3.54
CA THR C 165 -16.60 -4.08 -2.74
C THR C 165 -15.33 -3.39 -3.26
N TYR C 166 -14.51 -2.90 -2.34
CA TYR C 166 -13.23 -2.34 -2.71
C TYR C 166 -13.36 -1.06 -3.54
N SER C 167 -14.58 -0.58 -3.76
CA SER C 167 -14.79 0.68 -4.45
C SER C 167 -14.18 1.81 -3.66
N HIS C 168 -14.03 2.98 -4.33
CA HIS C 168 -13.48 4.17 -3.68
C HIS C 168 -14.37 5.35 -4.03
N LEU C 169 -14.73 6.14 -3.03
CA LEU C 169 -15.61 7.25 -3.33
C LEU C 169 -15.03 8.54 -2.75
N GLU C 170 -15.22 9.65 -3.48
CA GLU C 170 -14.92 10.98 -2.92
C GLU C 170 -16.24 11.74 -2.79
N GLY C 171 -16.44 12.40 -1.64
CA GLY C 171 -17.64 13.22 -1.49
C GLY C 171 -18.44 12.88 -0.22
N ASN C 172 -19.41 13.74 0.11
CA ASN C 172 -20.35 13.52 1.19
C ASN C 172 -21.59 12.83 0.65
N VAL C 173 -21.83 11.59 1.13
CA VAL C 173 -23.04 10.85 0.71
C VAL C 173 -24.16 11.18 1.68
N ILE C 174 -25.22 11.85 1.19
CA ILE C 174 -26.32 12.20 2.08
C ILE C 174 -27.55 11.51 1.53
N ALA C 175 -27.93 10.43 2.23
CA ALA C 175 -28.89 9.50 1.67
C ALA C 175 -30.20 9.59 2.45
N ASN C 176 -31.29 9.47 1.74
CA ASN C 176 -32.58 9.53 2.42
C ASN C 176 -32.75 8.31 3.33
N ALA C 177 -32.24 7.15 2.91
CA ALA C 177 -32.44 5.89 3.59
C ALA C 177 -31.06 5.23 3.83
N LEU C 178 -30.92 3.94 3.46
CA LEU C 178 -29.82 3.08 3.88
C LEU C 178 -28.55 3.53 3.17
N ILE C 179 -27.43 3.59 3.90
CA ILE C 179 -26.14 3.53 3.21
C ILE C 179 -25.43 2.22 3.57
N ALA C 180 -25.15 1.37 2.57
CA ALA C 180 -24.46 0.11 2.82
C ALA C 180 -23.10 0.16 2.12
N ALA C 181 -22.00 0.19 2.89
CA ALA C 181 -20.67 0.15 2.28
C ALA C 181 -20.19 -1.30 2.29
N GLN C 182 -19.99 -1.89 1.14
CA GLN C 182 -19.53 -3.27 1.09
C GLN C 182 -18.04 -3.43 1.41
N THR C 183 -17.61 -4.70 1.47
CA THR C 183 -16.32 -5.04 2.05
C THR C 183 -15.22 -4.23 1.35
N GLY C 184 -14.40 -3.54 2.12
CA GLY C 184 -13.22 -2.95 1.50
C GLY C 184 -13.48 -1.56 0.87
N ALA C 185 -14.72 -1.06 0.77
CA ALA C 185 -14.99 0.26 0.16
C ALA C 185 -14.31 1.35 0.96
N THR C 186 -13.72 2.33 0.28
CA THR C 186 -13.07 3.44 0.97
C THR C 186 -13.81 4.74 0.61
N ILE C 187 -13.78 5.73 1.51
CA ILE C 187 -14.50 6.97 1.29
C ILE C 187 -13.63 8.11 1.84
N ASN C 188 -13.31 9.05 0.93
CA ASN C 188 -12.85 10.34 1.39
C ASN C 188 -14.04 11.29 1.38
N GLY C 189 -14.56 11.49 2.57
CA GLY C 189 -15.93 11.94 2.62
C GLY C 189 -16.70 11.53 3.87
N ALA C 190 -18.02 11.33 3.72
CA ALA C 190 -18.82 11.02 4.90
C ALA C 190 -20.03 10.21 4.46
N LEU C 191 -20.58 9.43 5.41
CA LEU C 191 -21.76 8.63 5.08
C LEU C 191 -22.85 9.08 6.05
N LEU C 192 -23.78 9.92 5.53
CA LEU C 192 -24.82 10.52 6.36
C LEU C 192 -26.13 9.92 5.91
N ALA C 193 -26.59 8.92 6.67
CA ALA C 193 -27.73 8.15 6.20
C ALA C 193 -29.01 8.67 6.83
N GLY C 194 -30.10 8.31 6.16
CA GLY C 194 -31.43 8.56 6.69
C GLY C 194 -31.99 7.47 7.59
N SER C 195 -31.53 6.20 7.51
CA SER C 195 -32.01 5.18 8.45
C SER C 195 -30.80 4.61 9.20
N ALA C 196 -29.97 3.86 8.47
CA ALA C 196 -28.81 3.21 9.07
C ALA C 196 -27.61 3.28 8.12
N VAL C 197 -26.39 3.21 8.67
CA VAL C 197 -25.21 2.92 7.87
C VAL C 197 -24.73 1.51 8.28
N THR C 198 -24.42 0.66 7.31
CA THR C 198 -23.74 -0.60 7.56
C THR C 198 -22.40 -0.55 6.83
N LEU C 199 -21.39 -1.11 7.49
CA LEU C 199 -19.99 -0.98 7.11
C LEU C 199 -19.44 -2.40 7.16
N ASP C 200 -18.50 -2.70 6.27
CA ASP C 200 -17.73 -3.94 6.23
C ASP C 200 -16.29 -3.58 5.82
N SER C 201 -15.36 -3.50 6.79
CA SER C 201 -13.93 -3.21 6.65
C SER C 201 -13.71 -2.04 5.68
N ASN C 202 -14.27 -0.88 6.05
CA ASN C 202 -14.21 0.31 5.21
C ASN C 202 -13.20 1.25 5.83
N THR C 203 -12.72 2.22 5.04
CA THR C 203 -12.09 3.38 5.63
C THR C 203 -12.90 4.59 5.18
N VAL C 204 -13.22 5.46 6.13
CA VAL C 204 -14.01 6.65 5.86
C VAL C 204 -13.22 7.81 6.46
N THR C 205 -12.75 8.74 5.59
CA THR C 205 -11.95 9.85 6.12
C THR C 205 -12.62 11.21 5.80
N VAL C 206 -13.14 11.88 6.81
CA VAL C 206 -13.80 13.17 6.63
C VAL C 206 -12.79 14.19 6.10
N GLN C 207 -13.20 14.97 5.07
CA GLN C 207 -12.36 16.01 4.46
C GLN C 207 -12.83 17.41 4.91
N ASN C 208 -11.89 18.39 5.05
CA ASN C 208 -12.06 19.79 5.53
C ASN C 208 -12.10 20.85 4.41
N SER C 209 -12.45 22.11 4.80
CA SER C 209 -12.65 23.26 3.89
C SER C 209 -12.08 24.62 4.39
C1 GOL D . -10.80 -0.56 3.43
O1 GOL D . -10.62 -0.31 4.82
C2 GOL D . -9.82 -1.53 2.81
O2 GOL D . -8.61 -1.51 3.56
C3 GOL D . -9.61 -1.38 1.30
O3 GOL D . -8.28 -1.05 0.87
C1 GOL E . 20.05 -14.83 12.88
O1 GOL E . 20.00 -16.17 13.40
C2 GOL E . 20.94 -13.93 13.69
O2 GOL E . 20.54 -14.01 15.05
C3 GOL E . 20.77 -12.48 13.33
O3 GOL E . 22.03 -11.77 13.19
C1 GOL F . -22.29 -5.56 10.16
O1 GOL F . -22.10 -6.66 11.04
C2 GOL F . -22.44 -5.99 8.73
O2 GOL F . -23.75 -6.53 8.67
C3 GOL F . -22.26 -4.86 7.71
O3 GOL F . -22.07 -5.37 6.40
C1 GOL G . -7.30 6.61 1.05
O1 GOL G . -7.14 6.10 -0.27
C2 GOL G . -8.72 6.49 1.56
O2 GOL G . -9.57 7.08 0.59
C3 GOL G . -9.00 7.17 2.89
O3 GOL G . -10.34 6.98 3.35
#